data_5P9O
#
_entry.id   5P9O
#
_cell.length_a   49.711
_cell.length_b   54.666
_cell.length_c   81.533
_cell.angle_alpha   90.00
_cell.angle_beta   90.00
_cell.angle_gamma   90.00
#
_symmetry.space_group_name_H-M   'P 21 21 21'
#
loop_
_entity.id
_entity.type
_entity.pdbx_description
1 polymer 'Catechol O-methyltransferase'
2 non-polymer 7-fluoranyl-5,6-bis(4-fluorophenyl)-8-oxidanyl-3~{H}-quinazolin-4-one
3 non-polymer S-ADENOSYL-L-HOMOCYSTEINE
4 non-polymer 'CHLORIDE ION'
5 non-polymer 'DITHIANE DIOL'
6 non-polymer 'SULFATE ION'
7 non-polymer '2-[N-CYCLOHEXYLAMINO]ETHANE SULFONIC ACID'
8 non-polymer 'MAGNESIUM ION'
9 water water
#
_entity_poly.entity_id   1
_entity_poly.type   'polypeptide(L)'
_entity_poly.pdbx_seq_one_letter_code
;MGDTKEQRILRYVQQNAKPGDPQSVLEAIDTYCTQKEWAMNVGDAKGQIMDAVIREYSPSLVLELGAYCGYSAVRMARLL
QPGARLLTMEINPDCAAITQQMLNFAGLQDKVTILNGASQDLIPQLKKKYDVDTLDMVFLDHWKDRYLPDTLLLEKCGLL
RKGTVLLADNVIVPGTPDFLAYVRGSSSFECTHYSSYLEYMKVVDGLEKAIYQGPSSPDKS
;
_entity_poly.pdbx_strand_id   A
#
loop_
_chem_comp.id
_chem_comp.type
_chem_comp.name
_chem_comp.formula
7JF non-polymer 7-fluoranyl-5,6-bis(4-fluorophenyl)-8-oxidanyl-3~{H}-quinazolin-4-one 'C20 H11 F3 N2 O2'
CL non-polymer 'CHLORIDE ION' 'Cl -1'
DTD non-polymer 'DITHIANE DIOL' 'C4 H8 O2 S2'
MG non-polymer 'MAGNESIUM ION' 'Mg 2'
NHE non-polymer '2-[N-CYCLOHEXYLAMINO]ETHANE SULFONIC ACID' 'C8 H17 N O3 S'
SO4 non-polymer 'SULFATE ION' 'O4 S -2'
#
# COMPACT_ATOMS: atom_id res chain seq x y z
N ASP A 3 6.65 -22.61 -11.74
CA ASP A 3 6.24 -21.23 -11.46
C ASP A 3 5.29 -21.01 -10.32
N THR A 4 5.31 -19.79 -9.82
CA THR A 4 4.51 -19.38 -8.68
C THR A 4 3.24 -18.66 -9.19
N LYS A 5 2.30 -18.56 -8.24
CA LYS A 5 1.06 -17.81 -8.47
C LYS A 5 1.43 -16.35 -8.85
N GLU A 6 2.40 -15.76 -8.16
CA GLU A 6 2.77 -14.39 -8.42
C GLU A 6 3.34 -14.23 -9.80
N GLN A 7 4.18 -15.19 -10.24
CA GLN A 7 4.66 -15.15 -11.58
CA GLN A 7 4.67 -15.18 -11.62
C GLN A 7 3.53 -15.32 -12.60
N ARG A 8 2.55 -16.17 -12.31
CA ARG A 8 1.39 -16.35 -13.23
C ARG A 8 0.60 -15.08 -13.35
N ILE A 9 0.44 -14.31 -12.25
CA ILE A 9 -0.24 -13.04 -12.30
C ILE A 9 0.52 -12.05 -13.23
N LEU A 10 1.83 -11.94 -13.04
CA LEU A 10 2.60 -11.04 -13.87
C LEU A 10 2.49 -11.41 -15.35
N ARG A 11 2.63 -12.71 -15.68
CA ARG A 11 2.54 -13.13 -17.06
CA ARG A 11 2.53 -13.11 -17.07
C ARG A 11 1.15 -12.83 -17.62
N TYR A 12 0.09 -13.03 -16.82
CA TYR A 12 -1.23 -12.74 -17.27
C TYR A 12 -1.38 -11.26 -17.63
N VAL A 13 -0.85 -10.39 -16.77
CA VAL A 13 -0.85 -8.96 -17.09
C VAL A 13 -0.13 -8.68 -18.39
N GLN A 14 1.08 -9.22 -18.50
CA GLN A 14 1.89 -8.94 -19.70
C GLN A 14 1.21 -9.38 -20.97
N GLN A 15 0.32 -10.39 -20.91
CA GLN A 15 -0.32 -10.96 -22.09
C GLN A 15 -1.75 -10.49 -22.29
N ASN A 16 -2.32 -9.74 -21.34
CA ASN A 16 -3.74 -9.37 -21.36
C ASN A 16 -4.00 -7.90 -21.02
N ALA A 17 -3.00 -7.13 -20.76
CA ALA A 17 -3.13 -5.69 -20.53
C ALA A 17 -2.38 -4.93 -21.59
N LYS A 18 -2.63 -3.67 -21.62
CA LYS A 18 -1.98 -2.74 -22.55
C LYS A 18 -0.67 -2.15 -21.92
N PRO A 19 0.52 -2.32 -22.53
CA PRO A 19 1.66 -1.69 -21.94
C PRO A 19 1.47 -0.22 -21.73
N GLY A 20 1.86 0.29 -20.59
CA GLY A 20 1.79 1.72 -20.26
C GLY A 20 0.41 2.19 -19.83
N ASP A 21 -0.54 1.29 -19.60
CA ASP A 21 -1.90 1.65 -19.22
C ASP A 21 -2.23 1.06 -17.88
N PRO A 22 -1.98 1.84 -16.81
CA PRO A 22 -2.23 1.30 -15.46
C PRO A 22 -3.61 0.72 -15.24
N GLN A 23 -4.63 1.37 -15.77
CA GLN A 23 -5.99 0.90 -15.50
C GLN A 23 -6.18 -0.52 -16.07
N SER A 24 -5.59 -0.76 -17.27
CA SER A 24 -5.68 -2.11 -17.92
CA SER A 24 -5.67 -2.06 -17.87
C SER A 24 -4.90 -3.17 -17.07
N VAL A 25 -3.82 -2.73 -16.44
CA VAL A 25 -3.08 -3.65 -15.54
C VAL A 25 -3.94 -4.01 -14.32
N LEU A 26 -4.57 -3.02 -13.68
CA LEU A 26 -5.43 -3.35 -12.56
C LEU A 26 -6.59 -4.30 -12.95
N GLU A 27 -7.17 -4.04 -14.11
CA GLU A 27 -8.31 -4.83 -14.57
C GLU A 27 -7.84 -6.28 -14.86
N ALA A 28 -6.66 -6.43 -15.42
CA ALA A 28 -6.15 -7.77 -15.71
C ALA A 28 -5.88 -8.56 -14.43
N ILE A 29 -5.30 -7.87 -13.43
CA ILE A 29 -5.03 -8.54 -12.19
C ILE A 29 -6.37 -8.96 -11.54
N ASP A 30 -7.33 -8.03 -11.49
CA ASP A 30 -8.60 -8.34 -10.87
C ASP A 30 -9.34 -9.53 -11.59
N THR A 31 -9.25 -9.56 -12.91
CA THR A 31 -9.84 -10.67 -13.68
C THR A 31 -9.18 -11.97 -13.34
N TYR A 32 -7.85 -11.96 -13.33
CA TYR A 32 -7.14 -13.24 -13.01
C TYR A 32 -7.49 -13.72 -11.65
N CYS A 33 -7.53 -12.79 -10.67
CA CYS A 33 -7.77 -13.19 -9.30
C CYS A 33 -9.22 -13.50 -8.99
N THR A 34 -10.13 -13.07 -9.81
CA THR A 34 -11.52 -13.46 -9.71
C THR A 34 -11.78 -14.85 -10.38
N GLN A 35 -11.19 -15.04 -11.55
CA GLN A 35 -11.53 -16.21 -12.38
C GLN A 35 -10.60 -17.39 -12.23
N LYS A 36 -9.36 -17.15 -11.80
CA LYS A 36 -8.31 -18.20 -11.81
C LYS A 36 -7.76 -18.52 -10.41
N GLU A 37 -7.09 -17.57 -9.76
CA GLU A 37 -6.45 -17.80 -8.48
C GLU A 37 -6.54 -16.57 -7.60
N TRP A 38 -7.21 -16.67 -6.44
CA TRP A 38 -7.24 -15.62 -5.42
C TRP A 38 -5.84 -15.18 -5.08
N ALA A 39 -5.69 -13.89 -4.81
CA ALA A 39 -4.44 -13.39 -4.24
C ALA A 39 -4.72 -12.16 -3.42
N MET A 40 -3.78 -11.85 -2.51
CA MET A 40 -3.96 -10.82 -1.48
C MET A 40 -3.72 -9.39 -1.96
N ASN A 41 -4.11 -9.07 -3.18
CA ASN A 41 -4.09 -7.66 -3.62
C ASN A 41 -5.24 -6.89 -2.92
N VAL A 42 -5.12 -5.58 -2.74
CA VAL A 42 -6.15 -4.88 -2.00
C VAL A 42 -7.51 -5.04 -2.73
N GLY A 43 -7.48 -5.14 -4.07
CA GLY A 43 -8.63 -5.43 -4.88
C GLY A 43 -9.41 -4.16 -5.27
N ASP A 44 -10.47 -4.37 -6.03
CA ASP A 44 -11.22 -3.26 -6.57
C ASP A 44 -12.15 -2.60 -5.58
N ALA A 45 -12.79 -3.37 -4.67
CA ALA A 45 -13.79 -2.73 -3.78
C ALA A 45 -13.04 -1.78 -2.80
N LYS A 46 -12.02 -2.28 -2.12
CA LYS A 46 -11.23 -1.48 -1.24
C LYS A 46 -10.37 -0.49 -2.03
N GLY A 47 -9.96 -0.93 -3.23
CA GLY A 47 -9.19 -0.02 -4.08
C GLY A 47 -9.92 1.27 -4.47
N GLN A 48 -11.25 1.17 -4.63
CA GLN A 48 -12.03 2.35 -4.93
C GLN A 48 -12.00 3.37 -3.75
N ILE A 49 -11.97 2.86 -2.55
CA ILE A 49 -11.85 3.72 -1.35
C ILE A 49 -10.47 4.34 -1.28
N MET A 50 -9.41 3.55 -1.56
CA MET A 50 -8.08 4.11 -1.63
CA MET A 50 -8.08 4.06 -1.64
C MET A 50 -7.97 5.20 -2.69
N ASP A 51 -8.57 5.00 -3.87
CA ASP A 51 -8.55 6.00 -4.91
C ASP A 51 -9.15 7.32 -4.41
N ALA A 52 -10.28 7.22 -3.73
CA ALA A 52 -10.94 8.39 -3.19
C ALA A 52 -10.04 9.17 -2.20
N VAL A 53 -9.37 8.41 -1.35
CA VAL A 53 -8.43 8.97 -0.35
C VAL A 53 -7.27 9.69 -1.07
N ILE A 54 -6.61 9.01 -2.04
CA ILE A 54 -5.48 9.57 -2.76
C ILE A 54 -5.92 10.85 -3.43
N ARG A 55 -7.10 10.85 -4.04
CA ARG A 55 -7.52 12.03 -4.77
C ARG A 55 -7.80 13.19 -3.80
N GLU A 56 -8.32 12.89 -2.61
CA GLU A 56 -8.60 13.93 -1.62
C GLU A 56 -7.36 14.64 -1.15
N TYR A 57 -6.29 13.87 -0.90
CA TYR A 57 -5.09 14.41 -0.24
C TYR A 57 -3.97 14.78 -1.23
N SER A 58 -3.99 14.25 -2.45
CA SER A 58 -2.93 14.52 -3.47
C SER A 58 -1.53 14.46 -2.80
N PRO A 59 -1.18 13.33 -2.14
CA PRO A 59 0.11 13.27 -1.42
C PRO A 59 1.27 13.40 -2.34
N SER A 60 2.34 14.10 -1.91
CA SER A 60 3.58 14.21 -2.66
C SER A 60 4.51 13.04 -2.39
N LEU A 61 4.43 12.46 -1.22
CA LEU A 61 5.30 11.32 -0.83
C LEU A 61 4.50 10.34 -0.07
N VAL A 62 4.35 9.13 -0.63
CA VAL A 62 3.62 8.04 -0.01
C VAL A 62 4.57 6.91 0.33
N LEU A 63 4.40 6.30 1.48
CA LEU A 63 5.10 5.06 1.83
C LEU A 63 4.12 3.94 1.88
N GLU A 64 4.37 2.86 1.16
CA GLU A 64 3.62 1.63 1.24
C GLU A 64 4.42 0.56 1.95
N LEU A 65 3.77 -0.12 2.88
CA LEU A 65 4.32 -1.30 3.56
C LEU A 65 3.63 -2.55 3.03
N GLY A 66 4.43 -3.31 2.27
CA GLY A 66 3.98 -4.50 1.58
C GLY A 66 3.56 -4.31 0.14
N ALA A 67 4.42 -4.77 -0.79
CA ALA A 67 4.21 -4.57 -2.21
C ALA A 67 3.55 -5.70 -2.94
N TYR A 68 3.98 -6.94 -2.59
CA TYR A 68 3.45 -8.16 -3.21
C TYR A 68 3.72 -8.20 -4.73
N CYS A 69 2.68 -8.08 -5.54
CA CYS A 69 2.82 -8.10 -6.99
C CYS A 69 2.77 -6.68 -7.62
N GLY A 70 2.58 -5.67 -6.78
CA GLY A 70 2.50 -4.31 -7.26
C GLY A 70 1.16 -3.76 -7.54
N TYR A 71 0.10 -4.47 -7.21
CA TYR A 71 -1.27 -3.97 -7.49
C TYR A 71 -1.53 -2.63 -6.84
N SER A 72 -1.36 -2.57 -5.52
CA SER A 72 -1.64 -1.33 -4.83
C SER A 72 -0.68 -0.23 -5.24
N ALA A 73 0.58 -0.56 -5.55
CA ALA A 73 1.53 0.44 -6.00
C ALA A 73 1.05 1.03 -7.33
N VAL A 74 0.60 0.18 -8.26
CA VAL A 74 0.02 0.67 -9.52
C VAL A 74 -1.17 1.53 -9.20
N ARG A 75 -2.03 1.08 -8.31
CA ARG A 75 -3.23 1.86 -8.06
C ARG A 75 -2.98 3.23 -7.53
N MET A 76 -2.05 3.33 -6.59
CA MET A 76 -1.71 4.68 -6.03
C MET A 76 -0.90 5.46 -7.00
N ALA A 77 0.15 4.87 -7.60
CA ALA A 77 1.04 5.69 -8.42
C ALA A 77 0.33 6.27 -9.63
N ARG A 78 -0.72 5.60 -10.17
CA ARG A 78 -1.36 6.11 -11.35
C ARG A 78 -2.11 7.40 -11.06
N LEU A 79 -2.39 7.68 -9.76
CA LEU A 79 -3.18 8.87 -9.33
C LEU A 79 -2.23 9.96 -8.78
N LEU A 80 -0.95 9.71 -8.68
CA LEU A 80 -0.03 10.75 -8.14
C LEU A 80 0.21 11.87 -9.18
N GLN A 81 0.39 13.08 -8.70
CA GLN A 81 0.67 14.22 -9.53
C GLN A 81 2.10 14.16 -10.06
N PRO A 82 2.36 14.91 -11.16
CA PRO A 82 3.71 14.90 -11.64
C PRO A 82 4.67 15.26 -10.51
N GLY A 83 5.77 14.54 -10.44
CA GLY A 83 6.76 14.78 -9.41
C GLY A 83 6.57 14.15 -8.09
N ALA A 84 5.36 13.68 -7.83
CA ALA A 84 5.04 12.99 -6.57
C ALA A 84 5.61 11.56 -6.64
N ARG A 85 5.91 10.97 -5.48
CA ARG A 85 6.64 9.71 -5.43
C ARG A 85 6.02 8.73 -4.43
N LEU A 86 6.21 7.47 -4.70
CA LEU A 86 5.87 6.38 -3.83
C LEU A 86 7.13 5.57 -3.52
N LEU A 87 7.28 5.26 -2.25
CA LEU A 87 8.30 4.30 -1.79
C LEU A 87 7.52 3.06 -1.27
N THR A 88 7.91 1.87 -1.69
CA THR A 88 7.23 0.64 -1.24
C THR A 88 8.27 -0.30 -0.68
N MET A 89 7.99 -0.82 0.51
CA MET A 89 8.90 -1.75 1.18
C MET A 89 8.36 -3.16 1.09
N GLU A 90 9.28 -4.06 0.72
CA GLU A 90 8.88 -5.47 0.46
C GLU A 90 10.04 -6.38 0.95
N ILE A 91 9.70 -7.28 1.86
CA ILE A 91 10.65 -8.19 2.47
C ILE A 91 11.02 -9.39 1.60
N ASN A 92 10.13 -9.79 0.69
CA ASN A 92 10.33 -10.98 -0.14
C ASN A 92 10.94 -10.56 -1.47
N PRO A 93 12.21 -11.00 -1.79
CA PRO A 93 12.90 -10.51 -2.98
C PRO A 93 12.17 -10.97 -4.25
N ASP A 94 11.59 -12.16 -4.28
CA ASP A 94 10.86 -12.55 -5.51
C ASP A 94 9.67 -11.68 -5.77
N CYS A 95 9.01 -11.23 -4.73
CA CYS A 95 7.90 -10.26 -4.87
C CYS A 95 8.35 -8.90 -5.26
N ALA A 96 9.55 -8.49 -4.71
CA ALA A 96 10.10 -7.23 -5.12
C ALA A 96 10.37 -7.19 -6.62
N ALA A 97 10.94 -8.30 -7.15
CA ALA A 97 11.19 -8.34 -8.61
C ALA A 97 9.90 -8.38 -9.42
N ILE A 98 8.86 -9.06 -8.95
CA ILE A 98 7.61 -9.02 -9.70
CA ILE A 98 7.55 -9.08 -9.65
C ILE A 98 7.04 -7.63 -9.67
N THR A 99 7.04 -6.96 -8.52
CA THR A 99 6.54 -5.61 -8.40
C THR A 99 7.29 -4.69 -9.34
N GLN A 100 8.64 -4.77 -9.38
CA GLN A 100 9.34 -3.87 -10.29
C GLN A 100 8.90 -4.06 -11.74
N GLN A 101 8.81 -5.35 -12.15
CA GLN A 101 8.38 -5.64 -13.49
C GLN A 101 6.93 -5.19 -13.79
N MET A 102 6.08 -5.27 -12.80
CA MET A 102 4.68 -4.83 -12.96
C MET A 102 4.61 -3.33 -13.16
N LEU A 103 5.40 -2.60 -12.36
CA LEU A 103 5.47 -1.12 -12.47
C LEU A 103 6.05 -0.71 -13.80
N ASN A 104 7.12 -1.42 -14.26
CA ASN A 104 7.68 -1.14 -15.55
CA ASN A 104 7.67 -1.16 -15.58
C ASN A 104 6.65 -1.36 -16.69
N PHE A 105 5.93 -2.48 -16.62
CA PHE A 105 4.92 -2.73 -17.64
C PHE A 105 3.86 -1.61 -17.68
N ALA A 106 3.44 -1.17 -16.48
CA ALA A 106 2.44 -0.13 -16.34
C ALA A 106 2.95 1.27 -16.69
N GLY A 107 4.27 1.42 -16.94
CA GLY A 107 4.87 2.71 -17.21
C GLY A 107 5.01 3.64 -16.05
N LEU A 108 4.99 3.10 -14.84
CA LEU A 108 5.03 3.88 -13.59
C LEU A 108 6.37 3.82 -12.91
N GLN A 109 7.39 3.22 -13.48
CA GLN A 109 8.67 3.01 -12.81
C GLN A 109 9.31 4.32 -12.40
N ASP A 110 9.09 5.45 -13.08
CA ASP A 110 9.74 6.69 -12.60
C ASP A 110 9.13 7.32 -11.33
N LYS A 111 7.96 6.82 -10.94
CA LYS A 111 7.28 7.35 -9.78
CA LYS A 111 7.27 7.37 -9.78
C LYS A 111 7.49 6.55 -8.51
N VAL A 112 8.02 5.32 -8.64
CA VAL A 112 8.07 4.39 -7.53
C VAL A 112 9.48 3.90 -7.27
N THR A 113 9.82 3.74 -5.99
CA THR A 113 11.06 3.06 -5.66
C THR A 113 10.68 1.90 -4.73
N ILE A 114 11.16 0.72 -5.11
CA ILE A 114 11.03 -0.45 -4.30
C ILE A 114 12.19 -0.57 -3.35
N LEU A 115 11.93 -0.75 -2.07
CA LEU A 115 12.96 -0.93 -1.07
C LEU A 115 12.84 -2.38 -0.58
N ASN A 116 14.00 -2.99 -0.68
N ASN A 116 13.85 -3.20 -0.94
CA ASN A 116 14.21 -4.34 -0.27
CA ASN A 116 13.87 -4.67 -0.60
C ASN A 116 14.50 -4.52 1.14
C ASN A 116 14.43 -4.97 0.81
N GLY A 117 13.59 -5.19 1.82
CA GLY A 117 13.96 -5.46 3.18
C GLY A 117 12.71 -5.40 4.04
N ALA A 118 12.92 -5.60 5.32
CA ALA A 118 11.86 -5.57 6.32
C ALA A 118 11.58 -4.08 6.69
N SER A 119 10.30 -3.76 6.76
CA SER A 119 9.91 -2.39 7.13
C SER A 119 10.60 -1.91 8.41
N GLN A 120 10.63 -2.80 9.43
CA GLN A 120 11.19 -2.38 10.71
C GLN A 120 12.72 -2.02 10.61
N ASP A 121 13.41 -2.57 9.60
CA ASP A 121 14.80 -2.25 9.36
C ASP A 121 14.98 -1.06 8.41
N LEU A 122 14.06 -0.90 7.47
CA LEU A 122 14.16 0.14 6.49
C LEU A 122 13.63 1.52 7.03
N ILE A 123 12.56 1.51 7.80
CA ILE A 123 12.00 2.79 8.28
C ILE A 123 13.06 3.69 8.93
N PRO A 124 13.96 3.13 9.80
CA PRO A 124 14.96 3.99 10.43
C PRO A 124 16.02 4.54 9.50
N GLN A 125 16.05 4.03 8.28
CA GLN A 125 16.98 4.54 7.25
C GLN A 125 16.41 5.62 6.34
N LEU A 126 15.09 5.87 6.44
CA LEU A 126 14.46 6.76 5.47
C LEU A 126 15.06 8.17 5.45
N LYS A 127 15.31 8.73 6.60
CA LYS A 127 15.83 10.13 6.63
C LYS A 127 17.22 10.27 6.10
N LYS A 128 18.15 9.47 6.60
CA LYS A 128 19.50 9.67 6.21
C LYS A 128 19.81 9.03 4.86
N LYS A 129 19.44 7.77 4.68
CA LYS A 129 19.75 7.00 3.48
C LYS A 129 18.89 7.43 2.31
N TYR A 130 17.62 7.67 2.57
CA TYR A 130 16.72 7.84 1.42
C TYR A 130 16.26 9.29 1.32
N ASP A 131 16.82 10.17 2.19
CA ASP A 131 16.65 11.65 2.10
C ASP A 131 15.14 12.08 2.34
N VAL A 132 14.43 11.31 3.11
CA VAL A 132 13.02 11.68 3.43
C VAL A 132 13.03 12.68 4.59
N ASP A 133 12.13 13.69 4.51
CA ASP A 133 11.83 14.56 5.63
C ASP A 133 10.65 13.96 6.37
N THR A 134 9.40 14.22 5.95
CA THR A 134 8.23 13.57 6.53
C THR A 134 7.39 12.97 5.39
N LEU A 135 6.52 12.06 5.76
CA LEU A 135 5.65 11.36 4.84
C LEU A 135 4.28 12.06 4.81
N ASP A 136 3.66 12.10 3.61
CA ASP A 136 2.32 12.59 3.52
C ASP A 136 1.26 11.57 3.76
N MET A 137 1.55 10.30 3.38
CA MET A 137 0.59 9.21 3.51
CA MET A 137 0.59 9.21 3.51
C MET A 137 1.39 7.93 3.68
N VAL A 138 0.79 6.99 4.42
CA VAL A 138 1.35 5.66 4.63
C VAL A 138 0.22 4.63 4.38
N PHE A 139 0.46 3.64 3.50
CA PHE A 139 -0.48 2.52 3.31
C PHE A 139 0.12 1.33 4.02
N LEU A 140 -0.58 0.88 5.05
CA LEU A 140 -0.15 -0.31 5.85
C LEU A 140 -0.91 -1.52 5.35
N ASP A 141 -0.08 -2.47 4.76
CA ASP A 141 -0.71 -3.63 4.11
C ASP A 141 0.35 -4.78 4.01
N HIS A 142 1.14 -4.94 5.06
CA HIS A 142 2.21 -5.95 5.09
C HIS A 142 1.79 -7.13 5.92
N TRP A 143 1.84 -6.99 7.25
CA TRP A 143 1.43 -8.08 8.10
C TRP A 143 0.81 -7.51 9.39
N LYS A 144 -0.36 -8.04 9.71
CA LYS A 144 -1.22 -7.50 10.77
C LYS A 144 -0.43 -7.16 12.04
N ASP A 145 0.49 -8.02 12.48
CA ASP A 145 1.17 -7.83 13.76
C ASP A 145 2.24 -6.73 13.74
N ARG A 146 2.58 -6.24 12.54
CA ARG A 146 3.54 -5.14 12.39
CA ARG A 146 3.55 -5.16 12.41
C ARG A 146 2.84 -3.79 12.36
N TYR A 147 1.49 -3.71 12.24
CA TYR A 147 0.89 -2.39 12.07
C TYR A 147 1.18 -1.43 13.23
N LEU A 148 0.90 -1.93 14.44
CA LEU A 148 1.11 -1.06 15.63
C LEU A 148 2.62 -0.79 15.85
N PRO A 149 3.51 -1.80 15.86
CA PRO A 149 4.88 -1.47 16.07
C PRO A 149 5.47 -0.54 15.01
N ASP A 150 5.12 -0.71 13.74
CA ASP A 150 5.69 0.16 12.71
C ASP A 150 5.07 1.59 12.79
N THR A 151 3.83 1.72 13.21
CA THR A 151 3.28 3.03 13.41
C THR A 151 4.07 3.78 14.50
N LEU A 152 4.28 3.09 15.60
CA LEU A 152 5.09 3.69 16.69
C LEU A 152 6.51 4.01 16.27
N LEU A 153 7.09 3.17 15.42
CA LEU A 153 8.43 3.43 14.90
C LEU A 153 8.47 4.64 14.00
N LEU A 154 7.47 4.75 13.11
CA LEU A 154 7.39 5.92 12.23
C LEU A 154 7.30 7.21 13.06
N GLU A 155 6.54 7.18 14.15
CA GLU A 155 6.49 8.37 15.03
CA GLU A 155 6.48 8.33 15.00
CA GLU A 155 6.48 8.33 15.05
C GLU A 155 7.85 8.62 15.69
N LYS A 156 8.46 7.58 16.22
CA LYS A 156 9.76 7.74 16.88
C LYS A 156 10.77 8.36 15.98
N CYS A 157 10.80 7.91 14.73
CA CYS A 157 11.75 8.37 13.76
C CYS A 157 11.46 9.74 13.18
N GLY A 158 10.42 10.39 13.60
CA GLY A 158 10.11 11.75 13.15
C GLY A 158 9.56 11.83 11.73
N LEU A 159 8.96 10.75 11.25
CA LEU A 159 8.49 10.66 9.87
C LEU A 159 7.05 11.11 9.67
N LEU A 160 6.30 11.33 10.75
CA LEU A 160 4.93 11.78 10.66
C LEU A 160 4.88 13.24 10.94
N ARG A 161 4.02 13.96 10.28
CA ARG A 161 3.76 15.34 10.53
C ARG A 161 2.25 15.53 10.77
N LYS A 162 1.87 16.77 11.24
CA LYS A 162 0.45 17.03 11.41
C LYS A 162 -0.25 16.86 10.02
N GLY A 163 -1.22 15.99 10.00
CA GLY A 163 -1.94 15.70 8.77
C GLY A 163 -1.49 14.47 7.98
N THR A 164 -0.42 13.80 8.43
CA THR A 164 -0.01 12.56 7.68
C THR A 164 -1.20 11.57 7.76
N VAL A 165 -1.54 10.97 6.62
CA VAL A 165 -2.68 10.06 6.56
C VAL A 165 -2.12 8.61 6.64
N LEU A 166 -2.50 7.87 7.64
CA LEU A 166 -2.28 6.42 7.64
C LEU A 166 -3.54 5.78 7.15
N LEU A 167 -3.39 4.86 6.18
CA LEU A 167 -4.49 4.07 5.62
C LEU A 167 -4.12 2.61 5.79
N ALA A 168 -4.92 1.83 6.55
CA ALA A 168 -4.54 0.49 6.89
C ALA A 168 -5.54 -0.49 6.30
N ASP A 169 -5.04 -1.52 5.55
CA ASP A 169 -5.91 -2.58 5.00
C ASP A 169 -6.13 -3.65 6.00
N ASN A 170 -7.23 -4.42 5.85
CA ASN A 170 -7.42 -5.71 6.55
C ASN A 170 -7.62 -5.53 8.05
N VAL A 171 -8.24 -4.40 8.42
CA VAL A 171 -8.40 -4.18 9.88
C VAL A 171 -9.51 -5.01 10.46
N ILE A 172 -10.33 -5.64 9.61
CA ILE A 172 -11.40 -6.54 10.01
C ILE A 172 -10.98 -8.06 9.76
N VAL A 173 -10.48 -8.35 8.53
CA VAL A 173 -10.04 -9.71 8.16
C VAL A 173 -8.64 -9.54 7.59
N PRO A 174 -7.60 -10.13 8.23
CA PRO A 174 -7.69 -10.92 9.47
C PRO A 174 -8.03 -10.18 10.75
N GLY A 175 -7.95 -8.83 10.70
CA GLY A 175 -8.12 -8.00 11.88
C GLY A 175 -6.82 -7.58 12.47
N THR A 176 -6.84 -6.32 12.95
CA THR A 176 -5.66 -5.70 13.56
C THR A 176 -6.08 -5.04 14.90
N PRO A 177 -6.49 -5.83 15.85
CA PRO A 177 -7.17 -5.22 17.05
C PRO A 177 -6.24 -4.35 17.85
N ASP A 178 -4.96 -4.65 17.99
CA ASP A 178 -4.07 -3.78 18.77
C ASP A 178 -3.89 -2.46 18.12
N PHE A 179 -3.65 -2.44 16.82
CA PHE A 179 -3.52 -1.19 16.07
C PHE A 179 -4.81 -0.40 16.17
N LEU A 180 -5.98 -1.02 15.97
CA LEU A 180 -7.22 -0.23 16.01
CA LEU A 180 -7.24 -0.29 15.97
C LEU A 180 -7.47 0.36 17.35
N ALA A 181 -7.31 -0.44 18.40
CA ALA A 181 -7.52 0.07 19.77
C ALA A 181 -6.62 1.25 20.04
N TYR A 182 -5.37 1.14 19.62
CA TYR A 182 -4.42 2.20 19.89
C TYR A 182 -4.79 3.48 19.17
N VAL A 183 -4.93 3.41 17.84
CA VAL A 183 -5.19 4.66 17.10
C VAL A 183 -6.52 5.24 17.52
N ARG A 184 -7.53 4.44 17.75
CA ARG A 184 -8.85 5.00 18.05
C ARG A 184 -8.89 5.55 19.47
N GLY A 185 -8.00 5.11 20.36
CA GLY A 185 -7.92 5.64 21.74
C GLY A 185 -6.93 6.75 21.93
N SER A 186 -6.16 7.14 20.94
CA SER A 186 -5.01 8.09 21.06
C SER A 186 -5.46 9.44 20.60
N SER A 187 -5.12 10.47 21.36
CA SER A 187 -5.41 11.82 20.87
CA SER A 187 -5.40 11.84 20.90
C SER A 187 -4.46 12.26 19.79
N SER A 188 -3.47 11.46 19.48
CA SER A 188 -2.59 11.75 18.37
C SER A 188 -3.11 11.34 16.99
N PHE A 189 -4.31 10.70 16.94
CA PHE A 189 -4.90 10.31 15.66
C PHE A 189 -6.37 10.67 15.63
N GLU A 190 -6.82 11.05 14.44
CA GLU A 190 -8.21 11.18 14.13
C GLU A 190 -8.59 10.07 13.16
N CYS A 191 -9.52 9.19 13.56
CA CYS A 191 -9.75 7.92 12.89
C CYS A 191 -11.13 7.86 12.22
N THR A 192 -11.17 7.22 11.06
CA THR A 192 -12.42 6.91 10.33
CA THR A 192 -12.45 6.89 10.40
C THR A 192 -12.32 5.49 9.80
N HIS A 193 -13.42 4.76 9.86
CA HIS A 193 -13.48 3.42 9.38
C HIS A 193 -14.30 3.35 8.09
N TYR A 194 -13.77 2.66 7.08
CA TYR A 194 -14.45 2.52 5.77
C TYR A 194 -14.77 1.01 5.56
N SER A 195 -16.00 0.64 5.77
CA SER A 195 -16.37 -0.76 5.65
C SER A 195 -16.45 -1.15 4.17
N SER A 196 -15.96 -2.34 3.82
CA SER A 196 -15.93 -2.79 2.45
C SER A 196 -15.96 -4.35 2.46
N TYR A 197 -15.21 -4.92 1.54
CA TYR A 197 -15.17 -6.35 1.32
C TYR A 197 -13.74 -6.79 1.10
N LEU A 198 -13.46 -7.97 1.63
CA LEU A 198 -12.21 -8.68 1.31
C LEU A 198 -12.10 -8.79 -0.19
N GLU A 199 -10.87 -8.57 -0.68
CA GLU A 199 -10.65 -8.63 -2.11
C GLU A 199 -11.18 -9.95 -2.68
N TYR A 200 -11.96 -9.81 -3.75
CA TYR A 200 -12.44 -10.89 -4.57
C TYR A 200 -13.44 -11.81 -3.84
N MET A 201 -13.94 -11.45 -2.65
CA MET A 201 -14.76 -12.32 -1.84
CA MET A 201 -14.83 -12.29 -1.91
C MET A 201 -15.95 -11.57 -1.31
N LYS A 202 -17.01 -12.28 -0.98
CA LYS A 202 -18.19 -11.77 -0.32
C LYS A 202 -18.05 -11.93 1.19
N VAL A 203 -17.03 -11.33 1.71
CA VAL A 203 -16.61 -11.34 3.10
C VAL A 203 -16.41 -9.89 3.51
N VAL A 204 -16.95 -9.46 4.62
CA VAL A 204 -16.73 -8.06 5.05
C VAL A 204 -15.26 -7.83 5.48
N ASP A 205 -14.70 -6.71 5.04
CA ASP A 205 -13.42 -6.27 5.52
C ASP A 205 -13.47 -4.73 5.60
N GLY A 206 -12.42 -4.07 5.93
CA GLY A 206 -12.47 -2.60 5.98
C GLY A 206 -11.12 -2.04 6.00
N LEU A 207 -11.05 -0.73 5.73
CA LEU A 207 -9.85 0.11 5.85
C LEU A 207 -10.04 1.04 7.04
N GLU A 208 -8.94 1.32 7.71
CA GLU A 208 -8.97 2.41 8.75
C GLU A 208 -8.13 3.53 8.23
N LYS A 209 -8.63 4.79 8.29
CA LYS A 209 -7.85 5.98 8.06
C LYS A 209 -7.56 6.57 9.44
N ALA A 210 -6.31 6.85 9.72
CA ALA A 210 -5.88 7.46 10.99
C ALA A 210 -4.98 8.63 10.62
N ILE A 211 -5.46 9.85 10.89
CA ILE A 211 -4.72 11.06 10.52
C ILE A 211 -3.89 11.52 11.73
N TYR A 212 -2.58 11.59 11.58
CA TYR A 212 -1.73 12.00 12.72
C TYR A 212 -1.97 13.51 13.03
N GLN A 213 -2.02 13.76 14.33
CA GLN A 213 -2.28 15.08 14.86
C GLN A 213 -1.16 15.62 15.66
N GLY A 214 -0.02 15.01 15.63
CA GLY A 214 1.21 15.66 16.25
C GLY A 214 1.39 14.89 17.56
N PRO A 215 2.50 15.19 18.30
CA PRO A 215 2.77 14.45 19.56
C PRO A 215 1.86 14.70 20.77
C10 7JF B . -2.55 -14.88 6.39
C15 7JF B . -3.48 -9.25 3.13
C17 7JF B . -1.57 -10.14 4.36
C22 7JF B . -5.48 -14.00 3.39
C24 7JF B . -7.52 -14.95 4.19
C26 7JF B . -7.10 -12.63 4.48
C01 7JF B . -5.50 -10.48 2.92
C02 7JF B . -5.01 -11.56 3.62
C03 7JF B . -3.69 -11.51 4.09
C04 7JF B . -4.80 -9.31 2.64
O05 7JF B . -5.30 -8.26 2.01
F06 7JF B . -6.77 -10.49 2.45
C07 7JF B . -3.20 -12.66 4.87
C08 7JF B . -2.32 -13.60 4.39
C09 7JF B . -1.99 -14.71 5.16
C11 7JF B . -3.44 -13.94 6.93
C12 7JF B . -3.72 -12.86 6.16
F13 7JF B . -2.28 -15.98 7.14
C14 7JF B . -5.87 -12.74 3.83
C16 7JF B . -2.89 -10.33 3.83
N18 7JF B . -0.98 -8.95 4.03
C19 7JF B . -1.58 -7.96 3.32
N20 7JF B . -2.82 -8.05 2.91
O21 7JF B . -0.94 -10.92 5.09
C23 7JF B . -6.30 -15.07 3.54
C25 7JF B . -7.93 -13.74 4.66
F27 7JF B . -8.30 -16.02 4.36
N SAH C . -0.21 -3.95 -0.91
CA SAH C . -0.26 -5.10 -1.83
CB SAH C . -0.42 -6.42 -1.09
CG SAH C . 0.68 -6.69 -0.06
SD SAH C . 0.54 -8.39 0.56
C SAH C . -1.43 -4.90 -2.78
O SAH C . -1.26 -5.12 -3.97
OXT SAH C . -2.52 -4.50 -2.29
C5' SAH C . 1.70 -8.33 1.96
C4' SAH C . 3.15 -8.18 1.53
O4' SAH C . 3.86 -7.69 2.68
C3' SAH C . 3.85 -9.48 1.08
O3' SAH C . 4.39 -9.37 -0.23
C2' SAH C . 4.91 -9.67 2.16
O2' SAH C . 6.10 -10.34 1.69
C1' SAH C . 5.17 -8.28 2.69
N9 SAH C . 5.72 -8.17 4.01
C8 SAH C . 5.36 -8.90 5.14
N7 SAH C . 6.01 -8.45 6.21
C5 SAH C . 6.78 -7.40 5.78
C6 SAH C . 7.68 -6.57 6.42
N6 SAH C . 7.97 -6.62 7.77
N1 SAH C . 8.28 -5.62 5.70
C2 SAH C . 8.09 -5.54 4.38
N3 SAH C . 7.25 -6.35 3.64
C4 SAH C . 6.65 -7.23 4.41
CL CL D . -12.60 -6.83 -5.11
S1 DTD E . -9.51 -15.39 1.18
C1 DTD E . -8.19 -16.52 1.00
C2 DTD E . -8.45 -17.86 0.26
O2 DTD E . -7.27 -18.39 -0.33
C3 DTD E . -9.66 -17.93 -0.60
O3 DTD E . -9.64 -19.13 -1.27
C4 DTD E . -11.04 -17.59 -0.05
S4 DTD E . -11.06 -16.65 1.46
S SO4 F . 7.05 12.57 -13.19
O1 SO4 F . 6.83 11.33 -14.10
O2 SO4 F . 8.40 12.98 -12.68
O3 SO4 F . 6.22 12.40 -11.95
O4 SO4 F . 6.58 13.87 -13.73
S SO4 G . 2.42 -21.67 -6.06
O1 SO4 G . 2.11 -22.18 -7.52
O2 SO4 G . 3.66 -22.41 -5.64
O3 SO4 G . 2.45 -20.15 -5.83
O4 SO4 G . 1.27 -22.06 -5.23
C3' NHE H . -8.41 -16.84 0.49
C2' NHE H . -8.00 -17.76 -0.63
C1' NHE H . -8.62 -19.15 -0.76
C6' NHE H . -10.12 -18.94 -0.70
N NHE H . -8.10 -20.02 -1.89
C1 NHE H . -8.43 -19.91 -3.34
C2 NHE H . -7.76 -20.85 -4.39
S NHE H . -8.36 -20.89 -5.99
O1 NHE H . -7.32 -21.60 -7.10
O2 NHE H . -9.53 -21.76 -5.91
O3 NHE H . -8.56 -19.47 -6.30
C5' NHE H . -10.53 -18.22 0.60
C4' NHE H . -9.92 -16.80 0.63
C3' NHE I . -8.52 -16.96 0.78
C2' NHE I . -8.28 -17.60 -0.54
C1' NHE I . -8.77 -19.00 -0.88
C6' NHE I . -10.22 -19.04 -0.49
N NHE I . -8.64 -19.52 -2.29
C1 NHE I . -7.80 -20.60 -2.73
C2 NHE I . -8.01 -21.15 -4.10
S NHE I . -7.71 -20.38 -5.47
O1 NHE I . -8.38 -21.43 -6.53
O2 NHE I . -8.47 -19.16 -5.45
O3 NHE I . -6.29 -20.38 -5.44
C5' NHE I . -10.78 -17.76 0.10
C4' NHE I . -9.88 -17.30 1.23
MG MG J . -4.24 -6.48 2.35
#